data_3EFY
#
_entry.id   3EFY
#
_cell.length_a   111.768
_cell.length_b   111.768
_cell.length_c   107.518
_cell.angle_alpha   90.00
_cell.angle_beta   90.00
_cell.angle_gamma   90.00
#
_symmetry.space_group_name_H-M   'P 42 2 2'
#
loop_
_entity.id
_entity.type
_entity.pdbx_description
1 polymer 'Cif (Cell cycle inhibiting factor)'
2 water water
#
_entity_poly.entity_id   1
_entity_poly.type   'polypeptide(L)'
_entity_poly.pdbx_seq_one_letter_code
;REKGIVEPSCGVTANAIMKLFLDKDGFSYCFENEQTLSLEQLQERLSCMPECKSFVLRVNDGALGHAYIVDIPKGENSCR
PAFLYQSDLGEGVTRKLRFEDWMTHKALTPILLDDICNYFSCMSQNKTDLEQIATLFDIDGNVKMLRKENIQYQKHDNFS
FQLFEYDTDNIEKNIEIIKSLCSGAAALEHHHHHH
;
_entity_poly.pdbx_strand_id   A,B
#
# COMPACT_ATOMS: atom_id res chain seq x y z
N PRO A 8 6.98 6.77 10.98
CA PRO A 8 5.61 6.46 11.42
C PRO A 8 5.55 5.84 12.82
N SER A 9 4.39 5.92 13.46
CA SER A 9 4.11 5.28 14.74
C SER A 9 4.06 3.76 14.57
N CYS A 10 4.11 3.05 15.69
CA CYS A 10 4.06 1.59 15.69
C CYS A 10 2.78 1.11 14.99
N GLY A 11 1.66 1.79 15.26
CA GLY A 11 0.38 1.37 14.68
C GLY A 11 0.26 1.60 13.18
N VAL A 12 0.81 2.72 12.71
CA VAL A 12 0.87 3.02 11.29
C VAL A 12 1.74 1.99 10.55
N THR A 13 2.90 1.65 11.12
CA THR A 13 3.74 0.60 10.56
C THR A 13 3.00 -0.73 10.51
N ALA A 14 2.39 -1.08 11.61
CA ALA A 14 1.61 -2.35 11.65
C ALA A 14 0.54 -2.40 10.59
N ASN A 15 -0.25 -1.33 10.47
CA ASN A 15 -1.33 -1.33 9.50
C ASN A 15 -0.82 -1.46 8.06
N ALA A 16 0.32 -0.82 7.77
CA ALA A 16 0.90 -0.85 6.46
C ALA A 16 1.43 -2.26 6.11
N ILE A 17 1.98 -2.94 7.09
CA ILE A 17 2.43 -4.30 6.94
C ILE A 17 1.25 -5.24 6.66
N MET A 18 0.13 -5.06 7.36
CA MET A 18 -1.07 -5.84 7.05
C MET A 18 -1.49 -5.64 5.59
N LYS A 19 -1.44 -4.41 5.10
CA LYS A 19 -1.80 -4.13 3.70
C LYS A 19 -0.85 -4.88 2.74
N LEU A 20 0.44 -4.88 3.07
CA LEU A 20 1.41 -5.61 2.24
C LEU A 20 1.09 -7.08 2.15
N PHE A 21 0.69 -7.69 3.27
CA PHE A 21 0.38 -9.12 3.24
C PHE A 21 -0.93 -9.45 2.55
N LEU A 22 -1.91 -8.57 2.70
CA LEU A 22 -3.32 -8.89 2.41
C LEU A 22 -3.97 -8.24 1.22
N ASP A 23 -3.50 -7.07 0.79
CA ASP A 23 -4.19 -6.35 -0.26
C ASP A 23 -4.07 -7.07 -1.60
N LYS A 24 -5.19 -7.14 -2.29
CA LYS A 24 -5.25 -7.79 -3.58
C LYS A 24 -6.44 -7.26 -4.34
N ASP A 25 -6.65 -7.74 -5.56
CA ASP A 25 -7.84 -7.36 -6.29
C ASP A 25 -9.06 -7.71 -5.49
N GLY A 26 -9.91 -6.72 -5.23
CA GLY A 26 -11.12 -6.95 -4.44
C GLY A 26 -11.02 -6.99 -2.92
N PHE A 27 -9.83 -6.78 -2.36
CA PHE A 27 -9.70 -6.68 -0.91
C PHE A 27 -8.65 -5.63 -0.55
N SER A 28 -9.09 -4.66 0.23
CA SER A 28 -8.17 -3.69 0.81
C SER A 28 -8.38 -3.66 2.33
N TYR A 29 -7.32 -4.01 3.05
CA TYR A 29 -7.30 -4.00 4.50
C TYR A 29 -7.55 -2.58 5.03
N CYS A 30 -8.40 -2.47 6.04
CA CYS A 30 -8.66 -1.21 6.68
C CYS A 30 -8.81 -1.47 8.20
N PHE A 31 -7.75 -1.14 8.93
CA PHE A 31 -7.65 -1.43 10.36
C PHE A 31 -8.92 -1.16 11.15
N GLU A 32 -9.50 0.03 10.98
CA GLU A 32 -10.65 0.40 11.76
C GLU A 32 -11.88 -0.46 11.57
N ASN A 33 -12.00 -1.09 10.42
CA ASN A 33 -13.18 -1.87 10.08
C ASN A 33 -13.04 -3.39 10.21
N GLU A 34 -11.86 -3.89 10.52
CA GLU A 34 -11.68 -5.32 10.58
C GLU A 34 -12.20 -5.93 11.86
N GLN A 35 -12.49 -7.22 11.77
CA GLN A 35 -12.90 -7.98 12.91
C GLN A 35 -11.74 -8.14 13.88
N THR A 36 -12.07 -8.13 15.15
CA THR A 36 -11.06 -8.29 16.23
C THR A 36 -11.28 -9.50 17.12
N LEU A 37 -10.19 -10.05 17.63
CA LEU A 37 -10.22 -11.18 18.54
C LEU A 37 -9.68 -10.75 19.91
N SER A 38 -10.28 -11.32 20.93
CA SER A 38 -9.74 -11.28 22.29
C SER A 38 -8.61 -12.27 22.41
N LEU A 39 -7.85 -12.18 23.48
CA LEU A 39 -6.83 -13.19 23.72
C LEU A 39 -7.41 -14.60 23.83
N GLU A 40 -8.52 -14.74 24.52
CA GLU A 40 -9.12 -16.08 24.66
C GLU A 40 -9.49 -16.64 23.30
N GLN A 41 -10.09 -15.80 22.46
CA GLN A 41 -10.40 -16.18 21.11
C GLN A 41 -9.16 -16.58 20.29
N LEU A 42 -8.10 -15.78 20.36
CA LEU A 42 -6.89 -16.07 19.67
C LEU A 42 -6.30 -17.43 20.15
N GLN A 43 -6.31 -17.67 21.45
CA GLN A 43 -5.75 -18.91 22.03
C GLN A 43 -6.51 -20.16 21.44
N GLU A 44 -7.81 -20.02 21.31
CA GLU A 44 -8.61 -21.09 20.65
C GLU A 44 -8.24 -21.24 19.21
N ARG A 45 -8.10 -20.13 18.47
CA ARG A 45 -7.76 -20.21 17.06
C ARG A 45 -6.37 -20.87 16.89
N LEU A 46 -5.42 -20.53 17.77
CA LEU A 46 -4.07 -21.04 17.58
C LEU A 46 -4.05 -22.57 17.84
N SER A 47 -4.90 -23.02 18.74
CA SER A 47 -4.99 -24.45 19.10
C SER A 47 -5.41 -25.31 17.93
N CYS A 48 -6.19 -24.74 17.01
CA CYS A 48 -6.67 -25.45 15.81
C CYS A 48 -6.20 -24.86 14.48
N MET A 49 -5.10 -24.10 14.51
CA MET A 49 -4.61 -23.43 13.33
C MET A 49 -4.06 -24.40 12.29
N PRO A 50 -4.57 -24.34 11.06
CA PRO A 50 -4.05 -25.24 10.03
C PRO A 50 -2.55 -25.09 9.82
N GLU A 51 -1.85 -26.22 9.69
CA GLU A 51 -0.42 -26.25 9.40
C GLU A 51 -0.09 -25.92 7.94
N CYS A 52 -1.05 -26.15 7.03
CA CYS A 52 -0.91 -26.00 5.60
C CYS A 52 -1.25 -24.58 5.13
N LYS A 53 -1.47 -23.66 6.09
CA LYS A 53 -1.77 -22.27 5.71
C LYS A 53 -0.84 -21.34 6.50
N SER A 54 -0.65 -20.15 5.97
CA SER A 54 0.12 -19.08 6.62
C SER A 54 -0.81 -17.97 7.10
N PHE A 55 -0.45 -17.33 8.20
CA PHE A 55 -1.31 -16.30 8.80
C PHE A 55 -0.49 -15.13 9.28
N VAL A 56 -1.14 -13.98 9.27
CA VAL A 56 -0.55 -12.78 9.88
C VAL A 56 -1.46 -12.30 11.01
N LEU A 57 -0.85 -11.95 12.12
CA LEU A 57 -1.50 -11.53 13.32
C LEU A 57 -1.09 -10.11 13.67
N ARG A 58 -2.08 -9.20 13.69
CA ARG A 58 -1.83 -7.83 14.16
C ARG A 58 -2.13 -7.73 15.64
N VAL A 59 -1.15 -7.31 16.44
CA VAL A 59 -1.28 -7.20 17.85
C VAL A 59 -1.35 -5.75 18.32
N ASN A 60 -2.41 -5.45 19.06
CA ASN A 60 -2.56 -4.14 19.75
C ASN A 60 -2.37 -4.47 21.21
N ASP A 61 -1.16 -4.20 21.71
CA ASP A 61 -0.74 -4.56 23.04
C ASP A 61 -0.86 -3.35 23.96
N GLY A 62 -1.99 -3.33 24.70
CA GLY A 62 -2.35 -2.19 25.53
C GLY A 62 -1.40 -2.04 26.71
N ALA A 63 -1.02 -3.16 27.31
CA ALA A 63 -0.16 -3.12 28.51
C ALA A 63 1.26 -2.65 28.19
N LEU A 64 1.84 -3.19 27.10
CA LEU A 64 3.14 -2.75 26.64
C LEU A 64 3.06 -1.38 26.01
N GLY A 65 1.86 -0.97 25.55
CA GLY A 65 1.63 0.24 24.83
C GLY A 65 2.28 0.24 23.45
N HIS A 66 1.98 -0.79 22.66
CA HIS A 66 2.76 -1.04 21.49
C HIS A 66 1.91 -1.90 20.50
N ALA A 67 2.11 -1.68 19.23
CA ALA A 67 1.49 -2.55 18.19
C ALA A 67 2.56 -3.18 17.32
N TYR A 68 2.28 -4.38 16.79
CA TYR A 68 3.30 -5.12 16.05
C TYR A 68 2.65 -6.30 15.32
N ILE A 69 3.42 -6.94 14.44
CA ILE A 69 2.90 -8.03 13.56
C ILE A 69 3.62 -9.33 13.91
N VAL A 70 2.88 -10.44 14.00
CA VAL A 70 3.46 -11.79 14.11
C VAL A 70 3.04 -12.54 12.84
N ASP A 71 4.07 -12.99 12.11
CA ASP A 71 3.92 -13.68 10.82
C ASP A 71 4.10 -15.17 11.19
N ILE A 72 3.08 -15.99 10.86
CA ILE A 72 3.05 -17.41 11.13
C ILE A 72 3.05 -18.19 9.79
N PRO A 73 4.23 -18.56 9.28
CA PRO A 73 4.23 -19.31 8.02
C PRO A 73 3.61 -20.70 8.17
N LYS A 74 3.37 -21.31 7.01
CA LYS A 74 3.06 -22.74 6.99
C LYS A 74 4.09 -23.50 7.85
N GLY A 75 3.61 -24.40 8.68
CA GLY A 75 4.45 -25.24 9.48
C GLY A 75 3.71 -26.05 10.51
N GLU A 76 4.39 -27.05 11.07
CA GLU A 76 3.77 -27.90 12.10
C GLU A 76 3.53 -27.16 13.40
N ASN A 77 2.47 -27.51 14.11
CA ASN A 77 2.07 -26.85 15.36
C ASN A 77 2.90 -27.21 16.57
N SER A 78 3.79 -28.17 16.44
CA SER A 78 4.84 -28.40 17.45
C SER A 78 6.01 -27.47 17.26
N CYS A 79 6.24 -26.56 18.22
CA CYS A 79 7.31 -25.55 18.10
C CYS A 79 7.26 -24.81 16.75
N ARG A 80 6.05 -24.38 16.41
CA ARG A 80 5.83 -23.67 15.17
C ARG A 80 6.61 -22.36 15.14
N PRO A 81 7.35 -22.09 14.06
CA PRO A 81 8.09 -20.82 13.99
C PRO A 81 7.19 -19.60 13.66
N ALA A 82 7.67 -18.43 14.02
CA ALA A 82 6.99 -17.18 13.65
C ALA A 82 8.06 -16.10 13.46
N PHE A 83 7.66 -14.95 12.91
CA PHE A 83 8.53 -13.80 12.77
C PHE A 83 7.79 -12.63 13.39
N LEU A 84 8.53 -11.72 13.99
CA LEU A 84 7.93 -10.49 14.59
C LEU A 84 8.46 -9.28 13.83
N TYR A 85 7.54 -8.39 13.40
CA TYR A 85 7.84 -7.19 12.68
C TYR A 85 7.28 -5.99 13.49
N GLN A 86 8.03 -4.90 13.59
CA GLN A 86 7.63 -3.76 14.42
C GLN A 86 8.44 -2.53 14.07
N SER A 87 7.91 -1.38 14.47
CA SER A 87 8.70 -0.16 14.69
C SER A 87 8.27 0.42 16.03
N ASP A 88 8.98 1.43 16.56
CA ASP A 88 8.61 1.96 17.87
C ASP A 88 9.15 3.40 17.96
N LEU A 89 8.30 4.33 18.40
CA LEU A 89 8.77 5.72 18.59
C LEU A 89 9.48 5.94 19.92
N GLY A 90 9.39 5.01 20.85
CA GLY A 90 10.18 5.04 22.07
C GLY A 90 9.63 5.92 23.19
N GLU A 91 8.33 6.15 23.17
CA GLU A 91 7.68 6.97 24.20
C GLU A 91 7.32 6.16 25.43
N GLY A 92 7.33 4.82 25.31
CA GLY A 92 6.77 3.92 26.30
C GLY A 92 7.77 2.97 26.96
N VAL A 93 7.40 1.69 27.09
CA VAL A 93 8.27 0.70 27.75
C VAL A 93 9.54 0.43 26.97
N THR A 94 9.38 0.21 25.66
CA THR A 94 10.48 -0.12 24.79
C THR A 94 11.06 1.14 24.17
N ARG A 95 12.32 1.08 23.77
CA ARG A 95 12.98 2.22 23.19
C ARG A 95 12.71 2.44 21.71
N LYS A 96 13.07 3.62 21.20
CA LYS A 96 12.90 3.94 19.78
C LYS A 96 13.59 2.91 18.88
N LEU A 97 12.85 2.49 17.85
CA LEU A 97 13.30 1.47 16.89
C LEU A 97 12.75 1.73 15.50
N ARG A 98 13.63 2.00 14.53
CA ARG A 98 13.22 2.18 13.16
C ARG A 98 12.91 0.84 12.54
N PHE A 99 11.86 0.78 11.73
CA PHE A 99 11.51 -0.46 11.02
C PHE A 99 12.73 -0.99 10.26
N GLU A 100 13.43 -0.10 9.56
CA GLU A 100 14.62 -0.50 8.77
C GLU A 100 15.66 -1.25 9.62
N ASP A 101 15.92 -0.73 10.81
CA ASP A 101 16.92 -1.31 11.71
C ASP A 101 16.48 -2.66 12.25
N TRP A 102 15.23 -2.75 12.72
CA TRP A 102 14.68 -4.00 13.20
C TRP A 102 14.77 -5.07 12.10
N MET A 103 14.33 -4.72 10.89
CA MET A 103 14.12 -5.71 9.83
C MET A 103 15.44 -6.23 9.25
N THR A 104 16.46 -5.40 9.35
CA THR A 104 17.79 -5.73 8.79
C THR A 104 18.71 -6.38 9.82
N HIS A 105 18.22 -6.58 11.05
CA HIS A 105 18.96 -7.18 12.11
C HIS A 105 18.06 -8.27 12.72
N LYS A 106 17.47 -8.05 13.84
CA LYS A 106 16.84 -9.11 14.59
C LYS A 106 15.65 -9.81 13.92
N ALA A 107 14.86 -9.10 13.11
CA ALA A 107 13.65 -9.66 12.55
C ALA A 107 13.87 -10.88 11.66
N LEU A 108 15.04 -11.04 11.02
CA LEU A 108 15.15 -12.16 10.09
C LEU A 108 15.41 -13.51 10.73
N THR A 109 15.67 -13.49 12.04
CA THR A 109 15.73 -14.75 12.80
C THR A 109 14.35 -15.15 13.30
N PRO A 110 13.89 -16.36 12.97
CA PRO A 110 12.61 -16.80 13.50
C PRO A 110 12.60 -16.98 15.00
N ILE A 111 11.43 -16.78 15.57
CA ILE A 111 11.17 -17.04 16.97
C ILE A 111 10.19 -18.20 17.06
N LEU A 112 9.89 -18.64 18.27
CA LEU A 112 8.86 -19.68 18.50
C LEU A 112 7.54 -18.97 18.78
N LEU A 113 6.52 -19.36 18.03
CA LEU A 113 5.18 -18.87 18.31
C LEU A 113 4.80 -19.07 19.76
N ASP A 114 5.19 -20.21 20.35
CA ASP A 114 4.88 -20.47 21.75
C ASP A 114 5.48 -19.41 22.70
N ASP A 115 6.66 -18.88 22.35
CA ASP A 115 7.33 -17.91 23.23
C ASP A 115 6.56 -16.57 23.24
N ILE A 116 6.09 -16.13 22.06
CA ILE A 116 5.34 -14.86 22.03
C ILE A 116 3.96 -15.06 22.67
N CYS A 117 3.36 -16.23 22.47
CA CYS A 117 2.12 -16.58 23.14
C CYS A 117 2.23 -16.66 24.68
N ASN A 118 3.33 -17.18 25.16
CA ASN A 118 3.58 -17.21 26.59
C ASN A 118 3.66 -15.77 27.09
N TYR A 119 4.32 -14.90 26.32
CA TYR A 119 4.36 -13.47 26.68
C TYR A 119 2.95 -12.87 26.81
N PHE A 120 2.07 -13.12 25.81
CA PHE A 120 0.71 -12.59 25.89
C PHE A 120 0.03 -13.05 27.19
N SER A 121 0.21 -14.33 27.49
CA SER A 121 -0.40 -14.91 28.67
C SER A 121 0.11 -14.25 29.96
N CYS A 122 1.41 -14.11 30.08
CA CYS A 122 2.01 -13.44 31.24
C CYS A 122 1.56 -11.99 31.38
N MET A 123 1.65 -11.20 30.31
CA MET A 123 1.26 -9.80 30.37
C MET A 123 -0.22 -9.62 30.69
N SER A 124 -1.06 -10.52 30.19
CA SER A 124 -2.50 -10.42 30.44
C SER A 124 -2.84 -10.65 31.92
N GLN A 125 -1.95 -11.31 32.64
CA GLN A 125 -2.10 -11.59 34.06
C GLN A 125 -1.24 -10.65 34.92
N ASN A 126 -0.74 -9.59 34.31
CA ASN A 126 0.15 -8.61 34.96
C ASN A 126 1.41 -9.22 35.56
N LYS A 127 1.97 -10.24 34.92
CA LYS A 127 3.21 -10.82 35.40
C LYS A 127 4.32 -10.37 34.46
N THR A 128 4.80 -9.13 34.66
CA THR A 128 5.82 -8.57 33.81
C THR A 128 7.09 -9.39 33.99
N ASP A 129 7.76 -9.67 32.89
CA ASP A 129 9.03 -10.31 32.91
C ASP A 129 9.90 -9.48 31.98
N LEU A 130 10.75 -8.62 32.54
CA LEU A 130 11.53 -7.71 31.70
C LEU A 130 12.52 -8.41 30.78
N GLU A 131 13.07 -9.55 31.21
CA GLU A 131 13.95 -10.30 30.35
C GLU A 131 13.16 -10.82 29.16
N GLN A 132 11.93 -11.27 29.44
CA GLN A 132 11.02 -11.82 28.40
C GLN A 132 10.74 -10.71 27.35
N ILE A 133 10.42 -9.51 27.83
CA ILE A 133 10.12 -8.37 26.95
C ILE A 133 11.33 -7.95 26.14
N ALA A 134 12.50 -7.86 26.77
CA ALA A 134 13.70 -7.53 26.03
C ALA A 134 14.07 -8.53 24.98
N THR A 135 13.93 -9.81 25.30
CA THR A 135 14.25 -10.88 24.35
C THR A 135 13.39 -10.83 23.10
N LEU A 136 12.14 -10.47 23.28
CA LEU A 136 11.19 -10.39 22.16
C LEU A 136 11.29 -9.07 21.36
N PHE A 137 11.42 -7.95 22.08
CA PHE A 137 11.14 -6.65 21.45
C PHE A 137 12.34 -5.72 21.29
N ASP A 138 13.39 -5.92 22.11
CA ASP A 138 14.58 -5.04 22.04
C ASP A 138 15.60 -5.52 20.99
N ILE A 139 16.11 -4.62 20.18
CA ILE A 139 16.99 -4.97 19.07
C ILE A 139 18.27 -5.69 19.55
N ASP A 140 18.70 -5.33 20.75
CA ASP A 140 19.88 -5.92 21.39
C ASP A 140 19.54 -6.91 22.50
N GLY A 141 18.26 -7.14 22.78
CA GLY A 141 17.84 -7.91 23.93
C GLY A 141 18.24 -7.33 25.26
N ASN A 142 18.32 -6.01 25.35
CA ASN A 142 18.93 -5.34 26.50
C ASN A 142 17.89 -4.85 27.49
N VAL A 143 17.77 -5.53 28.63
CA VAL A 143 16.78 -5.20 29.62
C VAL A 143 16.99 -3.78 30.22
N LYS A 144 18.23 -3.32 30.24
CA LYS A 144 18.51 -1.98 30.77
C LYS A 144 17.94 -0.86 29.93
N MET A 145 17.55 -1.15 28.69
CA MET A 145 16.94 -0.12 27.83
C MET A 145 15.44 0.03 28.02
N LEU A 146 14.81 -0.87 28.78
CA LEU A 146 13.39 -0.83 28.99
C LEU A 146 13.04 0.07 30.13
N ARG A 147 11.81 0.53 30.12
CA ARG A 147 11.26 1.33 31.21
C ARG A 147 9.99 0.67 31.75
N LYS A 148 10.15 -0.16 32.78
CA LYS A 148 9.03 -0.89 33.33
C LYS A 148 7.92 0.01 33.83
N GLU A 149 8.30 1.21 34.31
CA GLU A 149 7.36 2.27 34.72
C GLU A 149 6.26 2.60 33.71
N ASN A 150 6.52 2.37 32.43
CA ASN A 150 5.57 2.73 31.42
C ASN A 150 4.59 1.61 31.02
N ILE A 151 4.68 0.47 31.65
CA ILE A 151 3.62 -0.56 31.51
C ILE A 151 2.29 0.03 31.97
N GLN A 152 1.24 -0.17 31.18
CA GLN A 152 -0.10 0.32 31.47
C GLN A 152 -1.04 -0.87 31.58
N TYR A 153 -0.84 -1.73 32.57
CA TYR A 153 -1.76 -2.84 32.79
C TYR A 153 -3.16 -2.34 33.18
N GLN A 154 -4.17 -2.86 32.48
CA GLN A 154 -5.59 -2.69 32.85
C GLN A 154 -6.16 -4.07 33.26
N LYS A 155 -7.24 -4.10 34.03
CA LYS A 155 -7.73 -5.36 34.62
C LYS A 155 -8.17 -6.39 33.55
N HIS A 156 -8.87 -5.93 32.52
CA HIS A 156 -9.14 -6.81 31.37
C HIS A 156 -8.95 -6.06 30.06
N ASP A 157 -9.04 -6.78 28.94
CA ASP A 157 -8.94 -6.20 27.61
C ASP A 157 -7.63 -5.44 27.30
N ASN A 158 -6.50 -5.96 27.79
CA ASN A 158 -5.20 -5.41 27.47
C ASN A 158 -4.89 -5.58 25.95
N PHE A 159 -5.22 -6.76 25.43
CA PHE A 159 -4.89 -7.10 24.05
C PHE A 159 -6.10 -7.06 23.14
N SER A 160 -5.86 -6.66 21.89
CA SER A 160 -6.82 -6.82 20.78
C SER A 160 -6.01 -7.33 19.59
N PHE A 161 -6.53 -8.35 18.90
CA PHE A 161 -5.83 -8.97 17.80
C PHE A 161 -6.67 -8.92 16.54
N GLN A 162 -5.99 -8.96 15.39
CA GLN A 162 -6.63 -9.25 14.09
C GLN A 162 -5.84 -10.36 13.44
N LEU A 163 -6.55 -11.39 12.95
CA LEU A 163 -5.89 -12.58 12.41
C LEU A 163 -6.41 -12.86 10.99
N PHE A 164 -5.51 -12.95 10.04
CA PHE A 164 -5.86 -13.21 8.65
C PHE A 164 -4.99 -14.29 8.02
N GLU A 165 -5.57 -15.14 7.16
CA GLU A 165 -4.76 -15.95 6.28
C GLU A 165 -4.11 -15.12 5.19
N TYR A 166 -2.87 -15.42 4.80
CA TYR A 166 -2.29 -14.78 3.65
C TYR A 166 -1.69 -15.79 2.68
N ASP A 167 -1.49 -15.33 1.46
CA ASP A 167 -0.85 -16.09 0.38
C ASP A 167 0.51 -15.50 0.12
N THR A 168 1.52 -16.36 0.11
CA THR A 168 2.89 -15.91 -0.10
C THR A 168 3.06 -15.19 -1.44
N ASP A 169 2.28 -15.56 -2.46
CA ASP A 169 2.34 -14.87 -3.76
C ASP A 169 1.91 -13.40 -3.65
N ASN A 170 1.01 -13.11 -2.72
CA ASN A 170 0.52 -11.78 -2.60
C ASN A 170 1.51 -10.83 -1.91
N ILE A 171 2.13 -11.31 -0.86
CA ILE A 171 3.15 -10.48 -0.16
C ILE A 171 4.28 -10.19 -1.15
N GLU A 172 4.64 -11.19 -1.95
CA GLU A 172 5.72 -11.02 -2.91
C GLU A 172 5.36 -9.93 -3.90
N LYS A 173 4.15 -9.99 -4.47
CA LYS A 173 3.68 -9.01 -5.42
C LYS A 173 3.63 -7.61 -4.81
N ASN A 174 3.10 -7.49 -3.58
CA ASN A 174 3.03 -6.18 -2.96
C ASN A 174 4.37 -5.54 -2.60
N ILE A 175 5.36 -6.37 -2.28
CA ILE A 175 6.71 -5.83 -2.02
C ILE A 175 7.30 -5.32 -3.31
N GLU A 176 7.11 -6.04 -4.41
CA GLU A 176 7.55 -5.51 -5.70
C GLU A 176 6.90 -4.16 -6.02
N ILE A 177 5.61 -4.02 -5.73
CA ILE A 177 4.93 -2.77 -5.94
C ILE A 177 5.49 -1.65 -5.09
N ILE A 178 5.70 -1.87 -3.79
CA ILE A 178 6.21 -0.81 -2.93
C ILE A 178 7.62 -0.34 -3.37
N LYS A 179 8.45 -1.28 -3.83
CA LYS A 179 9.81 -0.91 -4.24
C LYS A 179 9.72 -0.07 -5.49
N SER A 180 8.82 -0.45 -6.39
CA SER A 180 8.59 0.31 -7.63
C SER A 180 8.09 1.74 -7.32
N LEU A 181 7.09 1.83 -6.46
CA LEU A 181 6.54 3.11 -6.11
C LEU A 181 7.58 4.02 -5.48
N CYS A 182 8.37 3.48 -4.55
CA CYS A 182 9.45 4.27 -3.95
C CYS A 182 10.42 4.81 -5.00
N SER A 183 10.73 4.01 -6.00
CA SER A 183 11.68 4.41 -7.07
C SER A 183 11.17 5.60 -7.88
N GLY A 184 9.86 5.77 -7.99
CA GLY A 184 9.26 6.87 -8.72
C GLY A 184 8.63 7.98 -7.90
N ALA A 185 8.80 7.94 -6.58
CA ALA A 185 8.01 8.77 -5.68
C ALA A 185 8.20 10.26 -5.84
N ALA A 186 9.40 10.70 -6.25
CA ALA A 186 9.64 12.13 -6.40
C ALA A 186 8.64 12.77 -7.38
N ALA A 187 8.24 12.04 -8.41
CA ALA A 187 7.35 12.59 -9.43
C ALA A 187 5.87 12.67 -8.98
N LEU A 188 5.55 12.10 -7.82
CA LEU A 188 4.15 12.05 -7.36
C LEU A 188 3.73 13.29 -6.60
N GLU A 189 4.68 14.15 -6.19
CA GLU A 189 4.36 15.35 -5.43
C GLU A 189 4.84 16.60 -6.16
N HIS A 190 4.08 17.69 -6.00
CA HIS A 190 4.30 18.96 -6.74
C HIS A 190 4.40 20.20 -5.83
N PRO B 8 4.90 -5.66 -11.76
CA PRO B 8 3.45 -5.50 -11.60
C PRO B 8 2.82 -4.96 -12.88
N SER B 9 1.55 -5.33 -13.15
CA SER B 9 0.82 -4.75 -14.30
C SER B 9 0.46 -3.25 -14.16
N CYS B 10 0.01 -2.67 -15.25
CA CYS B 10 -0.32 -1.25 -15.27
C CYS B 10 -1.47 -0.99 -14.30
N GLY B 11 -2.42 -1.94 -14.17
CA GLY B 11 -3.63 -1.78 -13.34
C GLY B 11 -3.22 -1.85 -11.90
N VAL B 12 -2.32 -2.78 -11.59
CA VAL B 12 -1.79 -2.89 -10.26
C VAL B 12 -1.06 -1.61 -9.81
N THR B 13 -0.20 -1.09 -10.67
CA THR B 13 0.51 0.16 -10.39
C THR B 13 -0.52 1.31 -10.16
N ALA B 14 -1.48 1.40 -11.06
CA ALA B 14 -2.54 2.45 -10.93
C ALA B 14 -3.25 2.36 -9.62
N ASN B 15 -3.69 1.17 -9.24
CA ASN B 15 -4.40 0.98 -7.96
C ASN B 15 -3.56 1.37 -6.75
N ALA B 16 -2.28 1.01 -6.78
CA ALA B 16 -1.39 1.35 -5.70
C ALA B 16 -1.15 2.84 -5.57
N ILE B 17 -1.07 3.54 -6.71
CA ILE B 17 -0.93 5.01 -6.69
C ILE B 17 -2.21 5.63 -6.07
N MET B 18 -3.37 5.09 -6.44
CA MET B 18 -4.63 5.63 -5.87
C MET B 18 -4.62 5.54 -4.35
N LYS B 19 -4.11 4.41 -3.86
CA LYS B 19 -3.99 4.20 -2.42
C LYS B 19 -3.04 5.20 -1.77
N LEU B 20 -1.92 5.51 -2.43
CA LEU B 20 -1.04 6.55 -1.90
C LEU B 20 -1.72 7.89 -1.77
N PHE B 21 -2.51 8.26 -2.76
CA PHE B 21 -3.23 9.53 -2.66
C PHE B 21 -4.36 9.54 -1.64
N LEU B 22 -5.04 8.43 -1.48
CA LEU B 22 -6.34 8.44 -0.82
C LEU B 22 -6.46 7.74 0.54
N ASP B 23 -5.60 6.76 0.82
CA ASP B 23 -5.76 5.97 2.03
C ASP B 23 -5.49 6.82 3.25
N LYS B 24 -6.29 6.61 4.28
CA LYS B 24 -6.12 7.26 5.56
C LYS B 24 -6.82 6.44 6.63
N ASP B 25 -6.69 6.88 7.88
CA ASP B 25 -7.43 6.21 8.95
C ASP B 25 -8.88 6.09 8.58
N GLY B 26 -9.41 4.86 8.61
CA GLY B 26 -10.82 4.64 8.30
C GLY B 26 -11.24 4.57 6.84
N PHE B 27 -10.33 4.78 5.88
CA PHE B 27 -10.70 4.59 4.47
C PHE B 27 -9.54 3.95 3.72
N SER B 28 -9.82 2.83 3.08
CA SER B 28 -8.85 2.17 2.20
C SER B 28 -9.45 2.02 0.82
N TYR B 29 -8.80 2.63 -0.12
CA TYR B 29 -9.19 2.53 -1.53
C TYR B 29 -9.10 1.08 -2.03
N CYS B 30 -10.14 0.63 -2.75
CA CYS B 30 -10.23 -0.69 -3.36
C CYS B 30 -10.89 -0.53 -4.73
N PHE B 31 -10.08 -0.62 -5.79
CA PHE B 31 -10.50 -0.35 -7.14
C PHE B 31 -11.84 -0.97 -7.52
N GLU B 32 -12.00 -2.26 -7.24
CA GLU B 32 -13.21 -2.98 -7.64
C GLU B 32 -14.46 -2.51 -6.96
N ASN B 33 -14.34 -1.77 -5.86
CA ASN B 33 -15.49 -1.35 -5.08
C ASN B 33 -15.89 0.11 -5.27
N GLU B 34 -15.05 0.91 -5.92
CA GLU B 34 -15.32 2.33 -6.00
C GLU B 34 -16.25 2.70 -7.15
N GLN B 35 -16.83 3.88 -7.05
CA GLN B 35 -17.74 4.32 -8.09
C GLN B 35 -17.01 4.73 -9.37
N THR B 36 -17.57 4.38 -10.52
CA THR B 36 -16.98 4.72 -11.81
C THR B 36 -17.81 5.74 -12.56
N LEU B 37 -17.16 6.48 -13.43
CA LEU B 37 -17.75 7.45 -14.32
C LEU B 37 -17.49 7.09 -15.80
N SER B 38 -18.47 7.39 -16.67
CA SER B 38 -18.26 7.38 -18.09
C SER B 38 -17.52 8.59 -18.54
N LEU B 39 -17.12 8.63 -19.80
CA LEU B 39 -16.50 9.82 -20.33
C LEU B 39 -17.43 11.05 -20.26
N GLU B 40 -18.68 10.85 -20.60
CA GLU B 40 -19.63 11.97 -20.54
C GLU B 40 -19.73 12.52 -19.13
N GLN B 41 -19.84 11.65 -18.13
CA GLN B 41 -19.90 12.07 -16.75
C GLN B 41 -18.62 12.75 -16.34
N LEU B 42 -17.48 12.17 -16.73
CA LEU B 42 -16.21 12.86 -16.46
C LEU B 42 -16.12 14.27 -16.98
N GLN B 43 -16.53 14.46 -18.23
CA GLN B 43 -16.47 15.76 -18.89
C GLN B 43 -17.28 16.81 -18.09
N GLU B 44 -18.40 16.35 -17.54
CA GLU B 44 -19.22 17.23 -16.71
C GLU B 44 -18.49 17.61 -15.41
N ARG B 45 -17.88 16.63 -14.75
CA ARG B 45 -17.13 16.94 -13.53
C ARG B 45 -15.94 17.84 -13.81
N LEU B 46 -15.23 17.62 -14.91
CA LEU B 46 -14.05 18.42 -15.19
C LEU B 46 -14.43 19.85 -15.51
N SER B 47 -15.58 20.02 -16.14
CA SER B 47 -16.08 21.39 -16.47
C SER B 47 -16.46 22.22 -15.25
N CYS B 48 -16.66 21.58 -14.12
CA CYS B 48 -17.10 22.25 -12.89
C CYS B 48 -16.03 22.20 -11.79
N MET B 49 -14.81 21.79 -12.13
CA MET B 49 -13.74 21.60 -11.19
C MET B 49 -13.23 22.97 -10.66
N PRO B 50 -13.14 23.19 -9.35
CA PRO B 50 -12.60 24.48 -8.90
C PRO B 50 -11.10 24.55 -8.99
N GLU B 51 -10.60 25.77 -9.09
CA GLU B 51 -9.15 25.99 -9.14
C GLU B 51 -8.46 25.65 -7.84
N CYS B 52 -9.19 25.71 -6.71
CA CYS B 52 -8.64 25.55 -5.41
C CYS B 52 -8.71 24.12 -4.84
N LYS B 53 -8.99 23.13 -5.72
CA LYS B 53 -8.97 21.72 -5.29
C LYS B 53 -8.06 20.92 -6.26
N SER B 54 -7.49 19.88 -5.72
CA SER B 54 -6.68 18.93 -6.48
C SER B 54 -7.40 17.60 -6.57
N PHE B 55 -7.24 16.93 -7.71
CA PHE B 55 -7.92 15.69 -8.00
C PHE B 55 -6.97 14.65 -8.58
N VAL B 56 -7.30 13.39 -8.35
CA VAL B 56 -6.63 12.27 -9.00
C VAL B 56 -7.67 11.48 -9.79
N LEU B 57 -7.31 11.20 -11.03
CA LEU B 57 -8.16 10.52 -11.99
C LEU B 57 -7.52 9.17 -12.37
N ARG B 58 -8.23 8.07 -12.12
CA ARG B 58 -7.78 6.76 -12.53
C ARG B 58 -8.44 6.47 -13.87
N VAL B 59 -7.63 6.17 -14.89
CA VAL B 59 -8.13 5.91 -16.25
C VAL B 59 -8.03 4.42 -16.58
N ASN B 60 -9.17 3.81 -16.91
CA ASN B 60 -9.19 2.42 -17.38
C ASN B 60 -9.40 2.50 -18.89
N ASP B 61 -8.28 2.43 -19.65
CA ASP B 61 -8.23 2.72 -21.08
C ASP B 61 -8.29 1.37 -21.81
N GLY B 62 -9.50 0.98 -22.18
CA GLY B 62 -9.75 -0.34 -22.79
C GLY B 62 -9.28 -0.40 -24.23
N ALA B 63 -9.23 0.73 -24.94
CA ALA B 63 -8.68 0.74 -26.33
C ALA B 63 -7.17 0.52 -26.36
N LEU B 64 -6.49 1.30 -25.55
CA LEU B 64 -5.06 1.31 -25.49
C LEU B 64 -4.54 0.05 -24.81
N GLY B 65 -5.31 -0.44 -23.84
CA GLY B 65 -5.09 -1.71 -23.16
C GLY B 65 -4.40 -1.57 -21.83
N HIS B 66 -4.68 -0.46 -21.16
CA HIS B 66 -3.77 0.06 -20.28
C HIS B 66 -4.43 0.93 -19.14
N ALA B 67 -4.09 0.84 -17.84
CA ALA B 67 -4.57 1.81 -16.81
C ALA B 67 -3.50 2.79 -16.46
N TYR B 68 -3.86 4.01 -16.08
CA TYR B 68 -2.86 5.04 -15.73
C TYR B 68 -3.59 6.12 -14.91
N ILE B 69 -2.81 7.02 -14.33
CA ILE B 69 -3.26 8.04 -13.38
C ILE B 69 -2.96 9.41 -13.95
N VAL B 70 -3.95 10.29 -13.83
CA VAL B 70 -3.80 11.69 -14.18
C VAL B 70 -3.98 12.48 -12.88
N ASP B 71 -2.94 13.23 -12.50
CA ASP B 71 -2.92 14.04 -11.28
C ASP B 71 -3.17 15.47 -11.70
N ILE B 72 -4.21 16.08 -11.14
CA ILE B 72 -4.62 17.44 -11.43
C ILE B 72 -4.41 18.28 -10.15
N PRO B 73 -3.27 18.92 -10.01
CA PRO B 73 -3.08 19.77 -8.83
C PRO B 73 -3.99 21.00 -8.86
N LYS B 74 -4.03 21.72 -7.73
CA LYS B 74 -4.64 23.02 -7.72
C LYS B 74 -4.00 23.84 -8.83
N GLY B 75 -4.80 24.59 -9.55
CA GLY B 75 -4.31 25.40 -10.67
C GLY B 75 -5.40 26.15 -11.39
N GLU B 76 -5.00 27.05 -12.29
CA GLU B 76 -5.96 27.87 -13.04
C GLU B 76 -6.63 27.10 -14.14
N ASN B 77 -7.93 27.33 -14.29
CA ASN B 77 -8.69 26.58 -15.28
C ASN B 77 -8.33 26.90 -16.73
N SER B 78 -7.72 28.05 -16.96
CA SER B 78 -7.14 28.31 -18.29
C SER B 78 -5.74 27.64 -18.41
N CYS B 79 -5.60 26.73 -19.34
CA CYS B 79 -4.38 25.94 -19.51
C CYS B 79 -4.05 25.14 -18.24
N ARG B 80 -5.08 24.54 -17.61
CA ARG B 80 -4.93 23.69 -16.42
C ARG B 80 -3.91 22.57 -16.64
N PRO B 81 -2.86 22.53 -15.81
CA PRO B 81 -1.86 21.45 -15.92
C PRO B 81 -2.25 20.15 -15.26
N ALA B 82 -1.63 19.08 -15.71
CA ALA B 82 -1.79 17.78 -15.09
C ALA B 82 -0.49 16.99 -15.27
N PHE B 83 -0.39 15.88 -14.54
CA PHE B 83 0.76 14.97 -14.60
C PHE B 83 0.23 13.57 -14.85
N LEU B 84 0.95 12.79 -15.65
CA LEU B 84 0.56 11.45 -16.00
C LEU B 84 1.56 10.46 -15.41
N TYR B 85 1.04 9.46 -14.70
CA TYR B 85 1.79 8.41 -14.05
C TYR B 85 1.37 7.07 -14.67
N GLN B 86 2.32 6.22 -15.04
CA GLN B 86 1.97 4.91 -15.60
C GLN B 86 3.15 3.96 -15.56
N SER B 87 2.84 2.68 -15.68
CA SER B 87 3.79 1.63 -16.08
C SER B 87 3.09 0.84 -17.20
N ASP B 88 3.82 -0.05 -17.88
CA ASP B 88 3.24 -0.78 -18.98
C ASP B 88 3.99 -2.11 -19.15
N LEU B 89 3.25 -3.21 -19.22
CA LEU B 89 3.84 -4.51 -19.53
C LEU B 89 4.15 -4.65 -21.03
N GLY B 90 3.58 -3.79 -21.87
CA GLY B 90 3.90 -3.78 -23.28
C GLY B 90 3.14 -4.81 -24.10
N GLU B 91 1.97 -5.24 -23.65
CA GLU B 91 1.07 -6.17 -24.40
C GLU B 91 0.03 -5.48 -25.32
N GLY B 92 -0.16 -4.18 -25.16
CA GLY B 92 -1.14 -3.42 -25.94
C GLY B 92 -0.44 -2.61 -26.98
N VAL B 93 -1.03 -1.45 -27.30
CA VAL B 93 -0.54 -0.57 -28.32
C VAL B 93 0.84 -0.02 -27.96
N THR B 94 1.02 0.36 -26.69
CA THR B 94 2.21 1.03 -26.21
C THR B 94 3.27 0.01 -25.77
N ARG B 95 4.52 0.43 -25.77
CA ARG B 95 5.63 -0.51 -25.43
C ARG B 95 5.84 -0.70 -23.94
N LYS B 96 6.57 -1.76 -23.60
CA LYS B 96 6.88 -2.03 -22.20
C LYS B 96 7.61 -0.83 -21.57
N LEU B 97 7.26 -0.49 -20.33
CA LEU B 97 7.71 0.71 -19.70
C LEU B 97 7.77 0.46 -18.19
N ARG B 98 8.95 0.56 -17.60
CA ARG B 98 9.07 0.47 -16.15
C ARG B 98 8.64 1.78 -15.50
N PHE B 99 7.88 1.68 -14.43
CA PHE B 99 7.50 2.84 -13.65
C PHE B 99 8.68 3.75 -13.29
N GLU B 100 9.79 3.16 -12.83
CA GLU B 100 10.93 3.96 -12.46
C GLU B 100 11.41 4.82 -13.62
N ASP B 101 11.40 4.25 -14.81
CA ASP B 101 11.90 4.95 -15.99
C ASP B 101 10.97 6.10 -16.39
N TRP B 102 9.66 5.81 -16.42
CA TRP B 102 8.67 6.86 -16.71
C TRP B 102 8.81 8.02 -15.71
N MET B 103 8.88 7.67 -14.44
CA MET B 103 8.79 8.65 -13.37
C MET B 103 10.07 9.45 -13.11
N THR B 104 11.20 8.98 -13.65
CA THR B 104 12.43 9.75 -13.53
C THR B 104 12.72 10.57 -14.76
N HIS B 105 11.87 10.47 -15.78
CA HIS B 105 12.01 11.21 -17.02
C HIS B 105 10.68 11.94 -17.39
N LYS B 106 9.92 11.40 -18.32
CA LYS B 106 8.81 12.15 -18.91
C LYS B 106 7.72 12.58 -17.91
N ALA B 107 7.51 11.79 -16.87
CA ALA B 107 6.44 12.10 -15.87
C ALA B 107 6.66 13.43 -15.21
N LEU B 108 7.93 13.87 -15.13
CA LEU B 108 8.24 15.11 -14.43
C LEU B 108 7.77 16.39 -15.12
N THR B 109 7.50 16.32 -16.41
CA THR B 109 7.06 17.47 -17.16
C THR B 109 5.51 17.52 -17.17
N PRO B 110 4.94 18.65 -16.78
CA PRO B 110 3.49 18.76 -16.84
C PRO B 110 2.98 18.71 -18.28
N ILE B 111 1.76 18.20 -18.41
CA ILE B 111 1.02 18.30 -19.63
C ILE B 111 -0.17 19.25 -19.40
N LEU B 112 -0.91 19.53 -20.46
CA LEU B 112 -2.19 20.21 -20.35
C LEU B 112 -3.28 19.18 -20.19
N LEU B 113 -4.11 19.36 -19.17
CA LEU B 113 -5.29 18.49 -19.00
C LEU B 113 -6.17 18.40 -20.23
N ASP B 114 -6.36 19.53 -20.91
CA ASP B 114 -7.12 19.54 -22.17
C ASP B 114 -6.59 18.57 -23.21
N ASP B 115 -5.27 18.40 -23.25
CA ASP B 115 -4.66 17.53 -24.28
C ASP B 115 -4.98 16.06 -24.03
N ILE B 116 -4.90 15.61 -22.76
CA ILE B 116 -5.25 14.20 -22.48
C ILE B 116 -6.77 14.01 -22.58
N CYS B 117 -7.55 15.04 -22.26
CA CYS B 117 -9.00 14.96 -22.44
C CYS B 117 -9.39 14.90 -23.92
N ASN B 118 -8.67 15.61 -24.77
CA ASN B 118 -8.87 15.53 -26.21
C ASN B 118 -8.57 14.11 -26.69
N TYR B 119 -7.49 13.51 -26.17
CA TYR B 119 -7.22 12.10 -26.45
C TYR B 119 -8.40 11.19 -26.08
N PHE B 120 -8.96 11.37 -24.87
CA PHE B 120 -10.08 10.52 -24.45
C PHE B 120 -11.24 10.65 -25.44
N SER B 121 -11.54 11.90 -25.81
CA SER B 121 -12.61 12.17 -26.76
C SER B 121 -12.35 11.50 -28.14
N CYS B 122 -11.17 11.68 -28.69
CA CYS B 122 -10.82 11.07 -29.98
C CYS B 122 -10.84 9.54 -29.90
N MET B 123 -10.19 8.95 -28.90
CA MET B 123 -10.11 7.50 -28.82
C MET B 123 -11.46 6.85 -28.53
N SER B 124 -12.35 7.58 -27.85
CA SER B 124 -13.67 7.05 -27.60
C SER B 124 -14.44 6.89 -28.89
N GLN B 125 -14.05 7.59 -29.95
CA GLN B 125 -14.72 7.56 -31.23
C GLN B 125 -13.85 6.82 -32.28
N ASN B 126 -12.79 6.17 -31.82
CA ASN B 126 -11.81 5.60 -32.75
C ASN B 126 -11.27 6.65 -33.75
N LYS B 127 -10.95 7.83 -33.25
CA LYS B 127 -10.62 8.96 -34.12
C LYS B 127 -9.26 9.49 -33.74
N THR B 128 -8.50 8.66 -33.03
CA THR B 128 -7.17 9.04 -32.64
C THR B 128 -6.13 8.74 -33.76
N ASP B 129 -4.87 9.01 -33.46
CA ASP B 129 -3.77 8.83 -34.36
C ASP B 129 -2.56 8.57 -33.51
N LEU B 130 -1.58 7.99 -34.18
CA LEU B 130 -0.43 7.52 -33.46
C LEU B 130 0.40 8.62 -32.88
N GLU B 131 0.46 9.78 -33.50
CA GLU B 131 1.26 10.85 -33.04
C GLU B 131 0.72 11.35 -31.70
N GLN B 132 -0.62 11.45 -31.63
CA GLN B 132 -1.30 11.85 -30.38
C GLN B 132 -0.98 10.87 -29.25
N ILE B 133 -1.09 9.59 -29.55
CA ILE B 133 -0.84 8.53 -28.57
C ILE B 133 0.60 8.55 -28.13
N ALA B 134 1.54 8.61 -29.08
CA ALA B 134 2.98 8.61 -28.70
C ALA B 134 3.41 9.83 -27.88
N THR B 135 2.87 11.01 -28.21
CA THR B 135 3.20 12.23 -27.53
C THR B 135 2.81 12.12 -26.04
N LEU B 136 1.65 11.52 -25.77
CA LEU B 136 1.20 11.34 -24.38
C LEU B 136 1.87 10.19 -23.65
N PHE B 137 2.03 9.03 -24.30
CA PHE B 137 2.29 7.81 -23.56
C PHE B 137 3.66 7.18 -23.77
N ASP B 138 4.31 7.47 -24.88
CA ASP B 138 5.65 6.87 -25.13
C ASP B 138 6.75 7.71 -24.52
N ILE B 139 7.68 7.03 -23.83
CA ILE B 139 8.78 7.71 -23.14
C ILE B 139 9.62 8.62 -24.05
N ASP B 140 9.73 8.28 -25.35
CA ASP B 140 10.48 9.07 -26.32
C ASP B 140 9.60 9.78 -27.33
N GLY B 141 8.28 9.67 -27.23
CA GLY B 141 7.40 10.26 -28.19
C GLY B 141 7.51 9.61 -29.56
N ASN B 142 7.91 8.34 -29.58
CA ASN B 142 8.25 7.61 -30.82
C ASN B 142 7.11 6.76 -31.38
N VAL B 143 6.50 7.23 -32.46
CA VAL B 143 5.34 6.54 -33.03
C VAL B 143 5.63 5.12 -33.48
N LYS B 144 6.89 4.89 -33.89
CA LYS B 144 7.31 3.55 -34.38
C LYS B 144 7.31 2.45 -33.32
N MET B 145 7.29 2.87 -32.06
CA MET B 145 7.15 1.93 -30.97
C MET B 145 5.75 1.49 -30.61
N LEU B 146 4.75 2.09 -31.24
CA LEU B 146 3.39 1.69 -31.03
C LEU B 146 2.96 0.63 -32.01
N ARG B 147 2.03 -0.19 -31.57
CA ARG B 147 1.52 -1.28 -32.37
C ARG B 147 0.02 -1.13 -32.52
N LYS B 148 -0.38 -0.53 -33.66
CA LYS B 148 -1.81 -0.27 -33.94
C LYS B 148 -2.56 -1.57 -33.97
N GLU B 149 -1.86 -2.66 -34.35
CA GLU B 149 -2.47 -3.97 -34.40
C GLU B 149 -2.91 -4.55 -33.06
N ASN B 150 -2.53 -3.92 -31.95
CA ASN B 150 -2.82 -4.37 -30.61
C ASN B 150 -3.93 -3.50 -29.95
N ILE B 151 -4.46 -2.52 -30.69
CA ILE B 151 -5.62 -1.76 -30.21
C ILE B 151 -6.84 -2.65 -30.00
N GLN B 152 -7.70 -2.29 -29.07
CA GLN B 152 -8.97 -3.01 -28.87
C GLN B 152 -10.19 -2.12 -28.76
N TYR B 153 -10.66 -1.60 -29.88
CA TYR B 153 -11.76 -0.63 -29.86
C TYR B 153 -13.09 -1.35 -29.85
N GLN B 154 -13.97 -0.89 -28.97
CA GLN B 154 -15.35 -1.39 -28.85
C GLN B 154 -16.32 -0.18 -28.86
N LYS B 155 -17.30 -0.24 -29.75
CA LYS B 155 -18.19 0.88 -30.11
C LYS B 155 -18.55 1.78 -28.96
N HIS B 156 -18.92 1.22 -27.80
CA HIS B 156 -19.15 2.05 -26.61
C HIS B 156 -18.30 1.56 -25.44
N ASP B 157 -18.27 2.35 -24.39
CA ASP B 157 -17.52 1.98 -23.20
C ASP B 157 -16.03 1.57 -23.42
N ASN B 158 -15.27 2.32 -24.20
CA ASN B 158 -13.82 2.07 -24.27
C ASN B 158 -13.12 2.50 -22.98
N PHE B 159 -13.68 3.49 -22.32
CA PHE B 159 -13.08 4.10 -21.12
C PHE B 159 -13.98 3.94 -19.91
N SER B 160 -13.37 3.81 -18.73
CA SER B 160 -14.05 3.94 -17.47
C SER B 160 -13.12 4.78 -16.59
N PHE B 161 -13.67 5.60 -15.71
CA PHE B 161 -12.88 6.51 -14.92
C PHE B 161 -13.26 6.47 -13.43
N GLN B 162 -12.30 6.83 -12.54
CA GLN B 162 -12.62 7.10 -11.15
C GLN B 162 -11.95 8.40 -10.81
N LEU B 163 -12.70 9.30 -10.17
CA LEU B 163 -12.23 10.66 -9.91
C LEU B 163 -12.43 10.98 -8.46
N PHE B 164 -11.36 11.34 -7.76
CA PHE B 164 -11.38 11.67 -6.34
C PHE B 164 -10.62 12.95 -6.05
N GLU B 165 -11.15 13.76 -5.15
CA GLU B 165 -10.38 14.86 -4.59
C GLU B 165 -9.28 14.28 -3.70
N TYR B 166 -8.11 14.89 -3.71
CA TYR B 166 -7.08 14.52 -2.75
C TYR B 166 -6.52 15.72 -2.02
N ASP B 167 -5.89 15.44 -0.88
CA ASP B 167 -5.18 16.44 -0.06
C ASP B 167 -3.70 16.19 -0.16
N THR B 168 -2.95 17.26 -0.48
CA THR B 168 -1.49 17.14 -0.63
C THR B 168 -0.83 16.57 0.64
N ASP B 169 -1.39 16.87 1.82
CA ASP B 169 -0.84 16.30 3.08
C ASP B 169 -0.91 14.78 3.14
N ASN B 170 -1.93 14.21 2.50
CA ASN B 170 -2.17 12.81 2.60
C ASN B 170 -1.23 12.00 1.71
N ILE B 171 -1.01 12.44 0.47
CA ILE B 171 -0.04 11.78 -0.41
C ILE B 171 1.37 11.91 0.19
N GLU B 172 1.70 13.08 0.75
CA GLU B 172 3.00 13.26 1.43
C GLU B 172 3.23 12.20 2.54
N LYS B 173 2.23 12.07 3.40
CA LYS B 173 2.29 11.12 4.53
C LYS B 173 2.40 9.68 4.06
N ASN B 174 1.61 9.30 3.06
CA ASN B 174 1.66 7.94 2.58
C ASN B 174 2.98 7.58 1.89
N ILE B 175 3.58 8.55 1.20
CA ILE B 175 4.88 8.35 0.61
C ILE B 175 5.93 8.15 1.72
N GLU B 176 5.86 8.95 2.77
CA GLU B 176 6.75 8.76 3.95
C GLU B 176 6.63 7.33 4.50
N ILE B 177 5.40 6.84 4.61
CA ILE B 177 5.18 5.49 5.12
C ILE B 177 5.84 4.44 4.22
N ILE B 178 5.60 4.49 2.90
CA ILE B 178 6.14 3.48 2.05
C ILE B 178 7.69 3.54 2.01
N LYS B 179 8.24 4.73 2.11
CA LYS B 179 9.70 4.90 2.13
C LYS B 179 10.26 4.24 3.39
N SER B 180 9.51 4.31 4.48
CA SER B 180 9.98 3.80 5.75
C SER B 180 9.99 2.28 5.75
N LEU B 181 9.19 1.67 4.87
CA LEU B 181 9.02 0.23 4.77
C LEU B 181 9.88 -0.41 3.72
N CYS B 182 10.25 0.37 2.70
CA CYS B 182 10.89 -0.15 1.54
C CYS B 182 12.11 -1.00 1.88
N SER B 183 13.04 -0.46 2.64
CA SER B 183 14.26 -1.25 2.92
C SER B 183 13.94 -2.52 3.70
N GLY B 184 13.13 -2.38 4.72
CA GLY B 184 12.76 -3.53 5.53
C GLY B 184 11.97 -4.59 4.78
N ALA B 185 11.24 -4.15 3.75
CA ALA B 185 10.26 -5.02 3.07
C ALA B 185 11.00 -5.93 2.16
N ALA B 186 11.95 -5.32 1.44
CA ALA B 186 12.81 -6.05 0.53
C ALA B 186 13.45 -7.22 1.26
N ALA B 187 13.86 -7.00 2.51
CA ALA B 187 14.57 -8.01 3.30
C ALA B 187 13.57 -9.12 3.62
N LEU B 188 12.35 -8.70 3.90
CA LEU B 188 11.28 -9.64 4.15
C LEU B 188 11.03 -10.48 2.92
N GLU B 189 10.48 -11.65 3.19
CA GLU B 189 10.34 -12.72 2.23
C GLU B 189 8.88 -13.13 2.15
#